data_6TM8
#
_entry.id   6TM8
#
_cell.length_a   73.095
_cell.length_b   59.554
_cell.length_c   69.675
_cell.angle_alpha   90.000
_cell.angle_beta   90.000
_cell.angle_gamma   90.000
#
_symmetry.space_group_name_H-M   'P 21 21 21'
#
loop_
_entity.id
_entity.type
_entity.pdbx_description
1 polymer 'Envelope glycoprotein D'
2 non-polymer GLYCEROL
3 water water
#
_entity_poly.entity_id   1
_entity_poly.type   'polypeptide(L)'
_entity_poly.pdbx_seq_one_letter_code
;ENYRRVVRGNQNQRPEFPPPRYNFTIVTTYNETSLPSPFINDQVKIVDVRTVAATRPCEMIALIAKTNVDSIIKELDAAH
KTYSARLTWFKITPTCATPIHDVVYMKCNPKLLFGMCDERSNILWLNSLITTAAETDDELGLVLASPAHSYSGLYRRVIQ
IDGRRIYTDFSVTIPSSHCPLSFEQNFGNPDRCKTPEQYSRGEVYTSRFLSEFNYRQGVHLAWVKHWFVQDGGNLPVQFY
EAQAFARPVPPDNHPGFDSVESEITQNKTNPKQEQASPKPNPPFKWPSIKQLAPRIDEVDNAKEITTKKPPASNSNSTFE
NLYFQGHHHHHH
;
_entity_poly.pdbx_strand_id   A
#
# COMPACT_ATOMS: atom_id res chain seq x y z
N ARG A 4 -16.32 -8.41 -5.88
N ARG A 4 -16.33 -8.36 -5.99
CA ARG A 4 -15.75 -7.06 -5.89
CA ARG A 4 -15.74 -7.03 -5.91
C ARG A 4 -16.37 -6.23 -4.79
C ARG A 4 -16.37 -6.24 -4.77
N ARG A 5 -15.52 -5.60 -3.97
CA ARG A 5 -15.97 -4.73 -2.89
C ARG A 5 -16.44 -3.40 -3.47
N VAL A 6 -17.62 -2.96 -3.08
CA VAL A 6 -18.11 -1.64 -3.45
C VAL A 6 -18.60 -0.91 -2.20
N VAL A 7 -18.52 0.41 -2.21
CA VAL A 7 -19.02 1.22 -1.11
C VAL A 7 -20.49 1.53 -1.38
N ARG A 8 -21.35 1.32 -0.38
N ARG A 8 -21.35 1.30 -0.38
CA ARG A 8 -22.78 1.56 -0.50
CA ARG A 8 -22.79 1.52 -0.46
C ARG A 8 -23.29 2.36 0.69
C ARG A 8 -23.24 2.41 0.69
N GLY A 9 -24.26 3.22 0.44
CA GLY A 9 -24.82 4.06 1.49
C GLY A 9 -25.23 5.44 1.02
N ASN A 10 -25.93 6.17 1.90
CA ASN A 10 -26.47 7.49 1.58
C ASN A 10 -25.36 8.51 1.32
N GLN A 11 -25.57 9.33 0.28
CA GLN A 11 -24.62 10.39 -0.06
C GLN A 11 -24.29 11.31 1.12
N ASN A 12 -25.26 11.53 2.03
CA ASN A 12 -25.13 12.49 3.11
C ASN A 12 -24.26 11.97 4.25
N GLN A 13 -23.63 10.81 4.06
CA GLN A 13 -22.69 10.23 4.99
C GLN A 13 -21.28 10.16 4.41
N ARG A 14 -21.04 10.77 3.24
CA ARG A 14 -19.73 10.73 2.61
C ARG A 14 -18.80 11.81 3.17
N PRO A 15 -17.51 11.51 3.28
CA PRO A 15 -16.53 12.56 3.49
C PRO A 15 -16.33 13.38 2.22
N GLU A 16 -15.60 14.47 2.39
CA GLU A 16 -15.11 15.22 1.23
C GLU A 16 -14.02 14.42 0.55
N PHE A 17 -14.01 14.43 -0.79
CA PHE A 17 -12.99 13.75 -1.60
C PHE A 17 -12.09 14.76 -2.28
N PRO A 18 -10.78 14.69 -2.09
CA PRO A 18 -9.86 15.55 -2.84
C PRO A 18 -9.91 15.24 -4.33
N PRO A 19 -9.55 16.19 -5.20
CA PRO A 19 -9.68 15.94 -6.64
C PRO A 19 -8.67 14.89 -7.10
N PRO A 20 -8.98 14.16 -8.18
CA PRO A 20 -8.05 13.13 -8.67
C PRO A 20 -6.68 13.70 -9.02
N ARG A 21 -5.65 12.88 -8.83
CA ARG A 21 -4.29 13.24 -9.23
C ARG A 21 -4.05 12.97 -10.71
N TYR A 22 -4.63 11.89 -11.24
CA TYR A 22 -4.37 11.44 -12.61
C TYR A 22 -5.49 10.52 -13.03
N ASN A 23 -6.01 10.71 -14.23
CA ASN A 23 -7.13 9.91 -14.73
C ASN A 23 -6.60 8.63 -15.36
N PHE A 24 -6.71 7.50 -14.65
CA PHE A 24 -6.24 6.22 -15.19
C PHE A 24 -7.41 5.27 -15.47
N THR A 25 -7.10 4.17 -16.15
CA THR A 25 -8.08 3.14 -16.50
C THR A 25 -7.69 1.84 -15.82
N ILE A 26 -8.59 1.26 -15.05
CA ILE A 26 -8.30 -0.03 -14.43
C ILE A 26 -8.60 -1.11 -15.46
N VAL A 27 -7.57 -1.84 -15.87
CA VAL A 27 -7.71 -2.95 -16.82
C VAL A 27 -7.97 -4.19 -15.98
N THR A 28 -9.25 -4.46 -15.70
CA THR A 28 -9.64 -5.57 -14.83
C THR A 28 -9.37 -6.93 -15.45
N THR A 29 -8.95 -6.95 -16.72
CA THR A 29 -8.82 -8.17 -17.50
C THR A 29 -7.36 -8.51 -17.80
N TYR A 30 -6.42 -7.66 -17.42
CA TYR A 30 -5.01 -7.90 -17.71
C TYR A 30 -4.55 -9.24 -17.15
N ASN A 31 -3.60 -9.88 -17.84
CA ASN A 31 -3.18 -11.23 -17.52
C ASN A 31 -1.82 -11.27 -16.83
N GLU A 32 -1.79 -11.96 -15.68
CA GLU A 32 -0.93 -11.83 -14.51
C GLU A 32 0.47 -12.39 -14.73
N THR A 33 1.44 -11.87 -13.97
CA THR A 33 2.73 -12.51 -13.78
C THR A 33 2.96 -12.74 -12.29
N SER A 34 3.71 -13.82 -11.99
CA SER A 34 3.97 -14.17 -10.60
C SER A 34 4.81 -13.08 -9.91
N LEU A 35 4.68 -13.04 -8.60
CA LEU A 35 5.33 -12.00 -7.81
C LEU A 35 6.80 -12.36 -7.57
N PRO A 36 7.75 -11.51 -7.95
CA PRO A 36 9.16 -11.77 -7.63
C PRO A 36 9.38 -11.84 -6.12
N SER A 37 10.33 -12.65 -5.71
CA SER A 37 10.55 -12.86 -4.29
C SER A 37 10.95 -11.56 -3.60
N PRO A 38 10.38 -11.24 -2.44
CA PRO A 38 10.89 -10.12 -1.65
C PRO A 38 12.09 -10.46 -0.76
N PHE A 39 12.51 -11.71 -0.69
CA PHE A 39 13.67 -12.05 0.11
C PHE A 39 14.95 -11.66 -0.63
N ILE A 40 15.95 -11.17 0.11
CA ILE A 40 17.17 -10.69 -0.52
C ILE A 40 18.24 -11.75 -0.34
N ASN A 41 18.72 -12.30 -1.45
CA ASN A 41 19.77 -13.30 -1.38
C ASN A 41 20.86 -13.08 -2.44
N ASP A 42 20.61 -13.49 -3.66
CA ASP A 42 21.67 -13.48 -4.65
C ASP A 42 21.79 -12.15 -5.38
N GLN A 43 20.78 -11.31 -5.32
CA GLN A 43 20.88 -9.94 -5.84
C GLN A 43 21.03 -9.01 -4.65
N VAL A 44 22.24 -8.48 -4.46
CA VAL A 44 22.52 -7.57 -3.36
C VAL A 44 21.73 -6.28 -3.55
N LYS A 45 21.10 -5.81 -2.48
CA LYS A 45 20.37 -4.56 -2.55
C LYS A 45 20.73 -3.68 -1.36
N ILE A 46 20.75 -2.37 -1.59
N ILE A 46 20.79 -2.35 -1.58
CA ILE A 46 20.68 -1.41 -0.49
CA ILE A 46 20.70 -1.43 -0.44
C ILE A 46 19.21 -1.27 -0.06
C ILE A 46 19.24 -1.28 -0.05
N VAL A 47 18.98 -1.29 1.25
CA VAL A 47 17.64 -1.18 1.81
C VAL A 47 17.62 0.00 2.78
N ASP A 48 16.71 0.95 2.58
CA ASP A 48 16.43 1.96 3.59
C ASP A 48 15.61 1.34 4.71
N VAL A 49 16.17 1.28 5.93
CA VAL A 49 15.50 0.67 7.09
C VAL A 49 14.98 1.78 8.02
N ARG A 50 13.66 1.84 8.21
CA ARG A 50 13.01 2.82 9.07
C ARG A 50 12.39 2.13 10.28
N THR A 51 12.17 2.90 11.36
CA THR A 51 11.44 2.41 12.51
C THR A 51 10.21 3.26 12.76
N VAL A 52 9.11 2.60 13.15
CA VAL A 52 7.82 3.26 13.38
C VAL A 52 7.23 2.68 14.64
N ALA A 53 6.77 3.55 15.54
CA ALA A 53 6.15 3.09 16.77
C ALA A 53 4.88 3.88 17.05
N ALA A 54 3.78 3.18 17.28
CA ALA A 54 2.58 3.80 17.82
C ALA A 54 2.76 3.96 19.32
N THR A 55 2.23 5.06 19.86
CA THR A 55 2.36 5.32 21.28
C THR A 55 1.04 5.24 22.03
N ARG A 56 -0.07 5.10 21.34
N ARG A 56 -0.07 5.07 21.34
CA ARG A 56 -1.34 4.93 22.02
CA ARG A 56 -1.36 4.95 21.98
C ARG A 56 -2.15 3.86 21.30
C ARG A 56 -2.15 3.87 21.28
N PRO A 57 -3.06 3.20 21.99
CA PRO A 57 -3.90 2.19 21.33
C PRO A 57 -4.78 2.82 20.27
N CYS A 58 -4.99 2.08 19.18
CA CYS A 58 -5.81 2.46 18.04
C CYS A 58 -5.23 3.63 17.25
N GLU A 59 -3.96 3.96 17.46
CA GLU A 59 -3.36 5.11 16.80
C GLU A 59 -3.21 4.86 15.30
N MET A 60 -3.68 5.81 14.48
CA MET A 60 -3.41 5.69 13.05
C MET A 60 -1.94 6.03 12.77
N ILE A 61 -1.26 5.21 11.95
CA ILE A 61 0.13 5.47 11.63
C ILE A 61 0.33 5.40 10.12
N ALA A 62 1.46 5.92 9.66
CA ALA A 62 1.78 5.89 8.22
C ALA A 62 3.19 5.35 8.03
N LEU A 63 3.36 4.46 7.07
CA LEU A 63 4.67 3.96 6.68
C LEU A 63 5.08 4.78 5.46
N ILE A 64 5.98 5.75 5.68
CA ILE A 64 6.36 6.73 4.66
C ILE A 64 7.88 6.84 4.63
N ALA A 65 8.45 6.83 3.43
CA ALA A 65 9.88 7.10 3.31
C ALA A 65 10.18 7.56 1.90
N LYS A 66 10.82 8.72 1.77
CA LYS A 66 11.31 9.17 0.47
C LYS A 66 12.28 8.14 -0.13
N THR A 67 12.17 7.91 -1.43
CA THR A 67 13.03 6.94 -2.12
C THR A 67 13.73 7.63 -3.28
N ASN A 68 14.56 6.87 -3.99
CA ASN A 68 15.12 7.37 -5.24
C ASN A 68 14.24 7.02 -6.45
N VAL A 69 12.92 6.81 -6.29
CA VAL A 69 12.09 6.36 -7.41
C VAL A 69 12.14 7.36 -8.56
N ASP A 70 12.19 8.67 -8.25
CA ASP A 70 12.21 9.69 -9.30
C ASP A 70 13.47 9.63 -10.15
N SER A 71 14.60 9.28 -9.55
CA SER A 71 15.83 9.24 -10.31
C SER A 71 15.79 8.10 -11.31
N ILE A 72 14.99 7.06 -11.04
CA ILE A 72 14.83 5.95 -11.97
C ILE A 72 13.81 6.30 -13.04
N ILE A 73 12.67 6.84 -12.62
CA ILE A 73 11.67 7.32 -13.58
C ILE A 73 12.30 8.31 -14.56
N LYS A 74 13.07 9.27 -14.04
CA LYS A 74 13.60 10.30 -14.94
C LYS A 74 14.73 9.78 -15.83
N GLU A 75 15.41 8.68 -15.44
CA GLU A 75 16.29 8.00 -16.40
C GLU A 75 15.48 7.51 -17.61
N LEU A 76 14.29 6.95 -17.36
CA LEU A 76 13.46 6.51 -18.47
C LEU A 76 12.93 7.71 -19.27
N ASP A 77 12.70 8.83 -18.60
CA ASP A 77 12.35 10.06 -19.32
C ASP A 77 13.47 10.49 -20.27
N ALA A 78 14.73 10.44 -19.81
CA ALA A 78 15.84 10.89 -20.63
C ALA A 78 16.05 9.98 -21.82
N ALA A 79 15.76 8.70 -21.66
CA ALA A 79 15.69 7.73 -22.75
C ALA A 79 14.45 7.91 -23.63
N HIS A 80 13.46 8.68 -23.18
CA HIS A 80 12.19 8.87 -23.89
C HIS A 80 11.46 7.53 -24.06
N LYS A 81 11.28 6.84 -22.92
N LYS A 81 11.27 6.85 -22.94
CA LYS A 81 10.65 5.53 -22.84
CA LYS A 81 10.61 5.55 -22.93
C LYS A 81 9.49 5.58 -21.86
C LYS A 81 9.51 5.54 -21.88
N THR A 82 8.30 5.11 -22.28
CA THR A 82 7.28 4.83 -21.29
C THR A 82 7.63 3.50 -20.60
N TYR A 83 6.97 3.21 -19.48
CA TYR A 83 7.43 2.08 -18.68
C TYR A 83 6.25 1.44 -17.97
N SER A 84 6.45 0.20 -17.52
CA SER A 84 5.53 -0.46 -16.60
C SER A 84 6.15 -0.52 -15.22
N ALA A 85 5.31 -0.80 -14.22
CA ALA A 85 5.76 -0.73 -12.84
C ALA A 85 4.92 -1.64 -11.95
N ARG A 86 5.43 -1.90 -10.75
CA ARG A 86 4.67 -2.66 -9.76
C ARG A 86 4.98 -2.12 -8.38
N LEU A 87 3.94 -2.02 -7.55
CA LEU A 87 4.09 -1.70 -6.12
C LEU A 87 3.54 -2.83 -5.26
N THR A 88 4.35 -3.32 -4.30
CA THR A 88 3.91 -4.41 -3.43
C THR A 88 4.43 -4.21 -2.02
N TRP A 89 3.52 -4.28 -1.05
CA TRP A 89 3.84 -4.22 0.37
C TRP A 89 3.76 -5.62 0.95
N PHE A 90 4.76 -6.01 1.75
CA PHE A 90 4.82 -7.32 2.41
C PHE A 90 4.94 -7.14 3.92
N LYS A 91 4.34 -8.06 4.67
CA LYS A 91 4.76 -8.32 6.04
C LYS A 91 5.66 -9.55 6.02
N ILE A 92 6.87 -9.38 6.53
CA ILE A 92 7.98 -10.30 6.31
C ILE A 92 8.38 -10.94 7.63
N THR A 93 8.53 -12.27 7.62
CA THR A 93 9.12 -13.05 8.70
C THR A 93 10.23 -13.89 8.09
N PRO A 94 11.11 -14.48 8.92
CA PRO A 94 12.18 -15.30 8.32
C PRO A 94 11.66 -16.49 7.54
N THR A 95 10.52 -17.05 7.91
CA THR A 95 9.99 -18.21 7.19
C THR A 95 9.07 -17.87 6.02
N CYS A 96 8.44 -16.69 5.99
CA CYS A 96 7.51 -16.41 4.90
C CYS A 96 7.19 -14.92 4.80
N ALA A 97 6.63 -14.54 3.65
CA ALA A 97 6.28 -13.14 3.38
C ALA A 97 4.85 -13.04 2.87
N THR A 98 4.06 -12.13 3.48
CA THR A 98 2.66 -11.93 3.14
C THR A 98 2.51 -10.64 2.34
N PRO A 99 2.13 -10.72 1.06
CA PRO A 99 1.76 -9.50 0.31
C PRO A 99 0.42 -8.98 0.84
N ILE A 100 0.36 -7.68 1.11
CA ILE A 100 -0.85 -7.10 1.70
C ILE A 100 -1.44 -6.00 0.85
N HIS A 101 -0.69 -5.51 -0.14
CA HIS A 101 -1.18 -4.51 -1.09
C HIS A 101 -0.32 -4.69 -2.33
N ASP A 102 -0.95 -4.70 -3.50
CA ASP A 102 -0.24 -4.99 -4.73
C ASP A 102 -0.93 -4.26 -5.88
N VAL A 103 -0.16 -3.54 -6.71
CA VAL A 103 -0.69 -2.85 -7.88
C VAL A 103 0.30 -2.98 -9.04
N VAL A 104 -0.20 -3.24 -10.25
CA VAL A 104 0.63 -3.25 -11.47
C VAL A 104 0.19 -2.08 -12.36
N TYR A 105 1.16 -1.34 -12.89
CA TYR A 105 0.95 -0.12 -13.66
C TYR A 105 1.51 -0.32 -15.07
N MET A 106 0.81 0.23 -16.07
CA MET A 106 1.25 0.14 -17.47
C MET A 106 1.08 1.50 -18.12
N LYS A 107 1.84 1.70 -19.19
CA LYS A 107 1.82 2.96 -19.94
C LYS A 107 2.08 4.15 -19.03
N CYS A 108 3.13 4.03 -18.22
CA CYS A 108 3.53 5.15 -17.36
C CYS A 108 4.31 6.20 -18.14
N ASN A 109 3.86 7.44 -18.06
CA ASN A 109 4.52 8.63 -18.64
C ASN A 109 5.64 9.08 -17.68
N PRO A 110 6.92 8.92 -18.03
CA PRO A 110 7.97 9.27 -17.06
C PRO A 110 8.22 10.77 -16.97
N LYS A 111 7.47 11.59 -17.70
CA LYS A 111 7.49 13.03 -17.40
C LYS A 111 6.79 13.34 -16.08
N LEU A 112 5.95 12.42 -15.56
CA LEU A 112 5.08 12.58 -14.41
C LEU A 112 5.63 11.80 -13.19
N LEU A 113 4.85 11.76 -12.11
CA LEU A 113 5.29 11.11 -10.89
C LEU A 113 4.91 9.63 -10.89
N PHE A 114 5.50 8.90 -9.95
CA PHE A 114 5.14 7.51 -9.75
C PHE A 114 3.62 7.35 -9.64
N GLY A 115 3.10 6.29 -10.30
CA GLY A 115 1.71 5.95 -10.29
C GLY A 115 0.85 6.73 -11.26
N MET A 116 1.39 7.77 -11.89
CA MET A 116 0.62 8.56 -12.86
C MET A 116 0.74 7.93 -14.24
N CYS A 117 0.06 6.78 -14.38
CA CYS A 117 0.17 5.86 -15.50
C CYS A 117 -1.20 5.69 -16.13
N ASP A 118 -1.24 5.54 -17.46
CA ASP A 118 -2.55 5.49 -18.12
C ASP A 118 -3.38 4.26 -17.71
N GLU A 119 -2.73 3.15 -17.36
CA GLU A 119 -3.44 1.93 -17.01
C GLU A 119 -2.89 1.35 -15.70
N ARG A 120 -3.72 0.54 -15.05
CA ARG A 120 -3.24 -0.30 -13.96
C ARG A 120 -4.13 -1.54 -13.83
N SER A 121 -3.60 -2.55 -13.14
CA SER A 121 -4.36 -3.72 -12.71
C SER A 121 -5.42 -3.32 -11.69
N ASN A 122 -6.22 -4.30 -11.28
CA ASN A 122 -7.03 -4.16 -10.08
C ASN A 122 -6.14 -3.74 -8.92
N ILE A 123 -6.68 -2.96 -7.99
CA ILE A 123 -5.91 -2.43 -6.87
C ILE A 123 -6.14 -3.39 -5.71
N LEU A 124 -5.13 -4.22 -5.41
CA LEU A 124 -5.34 -5.36 -4.52
C LEU A 124 -4.93 -5.09 -3.06
N TRP A 125 -5.74 -5.61 -2.14
CA TRP A 125 -5.55 -5.49 -0.70
C TRP A 125 -5.90 -6.81 -0.01
N LEU A 126 -5.21 -7.10 1.08
CA LEU A 126 -5.75 -8.08 2.00
C LEU A 126 -7.16 -7.65 2.37
N ASN A 127 -8.13 -8.57 2.29
CA ASN A 127 -9.53 -8.13 2.39
C ASN A 127 -9.82 -7.51 3.75
N SER A 128 -9.20 -8.04 4.80
CA SER A 128 -9.40 -7.56 6.17
C SER A 128 -8.71 -6.25 6.48
N LEU A 129 -7.97 -5.66 5.53
CA LEU A 129 -7.35 -4.35 5.67
C LEU A 129 -8.12 -3.21 5.00
N ILE A 130 -9.12 -3.52 4.19
CA ILE A 130 -9.66 -2.50 3.27
C ILE A 130 -10.29 -1.35 4.03
N THR A 131 -10.96 -1.62 5.14
CA THR A 131 -11.61 -0.50 5.82
C THR A 131 -10.66 0.27 6.73
N THR A 132 -9.46 -0.24 6.99
CA THR A 132 -8.52 0.44 7.87
C THR A 132 -7.18 0.71 7.22
N ALA A 133 -7.05 0.60 5.89
CA ALA A 133 -5.76 0.88 5.29
C ALA A 133 -5.97 1.49 3.91
N ALA A 134 -5.04 2.36 3.53
CA ALA A 134 -5.08 3.02 2.23
C ALA A 134 -3.68 3.54 1.93
N GLU A 135 -3.45 3.87 0.66
CA GLU A 135 -2.19 4.54 0.30
C GLU A 135 -2.21 6.02 0.73
N THR A 136 -1.02 6.58 0.85
CA THR A 136 -0.85 8.03 1.01
C THR A 136 -1.02 8.73 -0.34
N ASP A 137 -0.93 10.08 -0.32
CA ASP A 137 -1.26 10.91 -1.47
C ASP A 137 -0.34 10.68 -2.66
N ASP A 138 0.93 10.31 -2.46
CA ASP A 138 1.79 10.00 -3.62
C ASP A 138 1.75 8.52 -4.01
N GLU A 139 0.81 7.75 -3.43
CA GLU A 139 0.56 6.33 -3.67
C GLU A 139 1.69 5.43 -3.16
N LEU A 140 2.76 5.97 -2.61
CA LEU A 140 3.86 5.08 -2.23
C LEU A 140 3.89 4.74 -0.75
N GLY A 141 3.19 5.51 0.10
CA GLY A 141 3.13 5.23 1.52
C GLY A 141 1.91 4.39 1.87
N LEU A 142 1.91 3.87 3.10
CA LEU A 142 0.80 3.06 3.60
C LEU A 142 0.26 3.66 4.90
N VAL A 143 -1.04 3.90 4.96
CA VAL A 143 -1.71 4.38 6.17
C VAL A 143 -2.40 3.18 6.80
N LEU A 144 -2.27 3.03 8.11
CA LEU A 144 -2.82 1.89 8.83
C LEU A 144 -3.62 2.46 10.00
N ALA A 145 -4.94 2.38 9.91
CA ALA A 145 -5.77 2.81 11.02
C ALA A 145 -5.92 1.64 11.98
N SER A 146 -6.19 1.96 13.24
CA SER A 146 -6.52 0.99 14.28
C SER A 146 -5.70 -0.30 14.23
N PRO A 147 -4.37 -0.21 14.25
CA PRO A 147 -3.56 -1.43 14.28
C PRO A 147 -3.74 -2.17 15.61
N ALA A 148 -3.58 -3.49 15.54
CA ALA A 148 -3.54 -4.28 16.75
C ALA A 148 -2.09 -4.60 17.07
N HIS A 149 -1.86 -5.10 18.28
CA HIS A 149 -0.51 -5.47 18.70
C HIS A 149 0.14 -6.44 17.71
N SER A 150 -0.65 -7.36 17.14
CA SER A 150 -0.14 -8.31 16.15
C SER A 150 0.33 -7.65 14.86
N TYR A 151 0.06 -6.36 14.64
CA TYR A 151 0.69 -5.68 13.51
C TYR A 151 2.20 -5.50 13.71
N SER A 152 2.69 -5.64 14.94
CA SER A 152 4.11 -5.42 15.20
C SER A 152 4.95 -6.34 14.32
N GLY A 153 6.08 -5.81 13.83
CA GLY A 153 6.98 -6.62 13.04
C GLY A 153 7.58 -5.83 11.88
N LEU A 154 7.98 -6.54 10.82
CA LEU A 154 8.75 -5.99 9.72
C LEU A 154 7.89 -5.88 8.46
N TYR A 155 7.81 -4.69 7.90
CA TYR A 155 7.07 -4.43 6.66
C TYR A 155 8.07 -4.06 5.57
N ARG A 156 7.89 -4.61 4.38
CA ARG A 156 8.79 -4.34 3.28
C ARG A 156 8.02 -3.84 2.06
N ARG A 157 8.42 -2.69 1.54
CA ARG A 157 7.85 -2.15 0.30
C ARG A 157 8.81 -2.39 -0.85
N VAL A 158 8.32 -2.99 -1.92
CA VAL A 158 9.12 -3.19 -3.13
C VAL A 158 8.49 -2.38 -4.24
N ILE A 159 9.24 -1.46 -4.80
CA ILE A 159 8.83 -0.69 -5.97
C ILE A 159 9.63 -1.24 -7.15
N GLN A 160 8.95 -1.66 -8.20
CA GLN A 160 9.60 -2.08 -9.43
C GLN A 160 9.29 -1.06 -10.52
N ILE A 161 10.32 -0.52 -11.17
CA ILE A 161 10.21 0.45 -12.27
C ILE A 161 11.00 -0.14 -13.42
N ASP A 162 10.31 -0.59 -14.47
CA ASP A 162 10.97 -1.33 -15.58
C ASP A 162 11.74 -2.51 -14.97
N GLY A 163 13.04 -2.67 -15.21
CA GLY A 163 13.80 -3.71 -14.59
C GLY A 163 14.64 -3.27 -13.41
N ARG A 164 14.22 -2.27 -12.64
CA ARG A 164 14.92 -1.92 -11.41
C ARG A 164 13.96 -2.02 -10.25
N ARG A 165 14.51 -2.28 -9.06
CA ARG A 165 13.73 -2.52 -7.84
C ARG A 165 14.28 -1.73 -6.65
N ILE A 166 13.38 -1.18 -5.83
CA ILE A 166 13.74 -0.39 -4.67
C ILE A 166 13.11 -1.04 -3.43
N TYR A 167 13.89 -1.15 -2.36
CA TYR A 167 13.40 -1.76 -1.12
C TYR A 167 13.45 -0.77 0.02
N THR A 168 12.35 -0.68 0.76
CA THR A 168 12.32 0.05 2.03
C THR A 168 11.72 -0.88 3.07
N ASP A 169 12.37 -0.98 4.25
CA ASP A 169 11.87 -1.76 5.37
C ASP A 169 11.40 -0.83 6.48
N PHE A 170 10.32 -1.22 7.17
CA PHE A 170 9.78 -0.51 8.31
C PHE A 170 9.64 -1.49 9.47
N SER A 171 10.36 -1.24 10.55
CA SER A 171 10.23 -2.01 11.78
C SER A 171 9.14 -1.34 12.64
N VAL A 172 8.00 -2.01 12.81
CA VAL A 172 6.80 -1.40 13.42
C VAL A 172 6.56 -2.01 14.80
N THR A 173 6.36 -1.17 15.81
N THR A 173 6.33 -1.14 15.79
CA THR A 173 5.98 -1.64 17.14
CA THR A 173 5.99 -1.55 17.15
C THR A 173 4.66 -1.00 17.54
C THR A 173 4.62 -0.98 17.50
N ILE A 174 3.75 -1.83 18.04
CA ILE A 174 2.41 -1.44 18.46
C ILE A 174 2.32 -1.85 19.92
N PRO A 175 1.77 -1.03 20.83
CA PRO A 175 1.72 -1.42 22.25
C PRO A 175 0.68 -2.51 22.50
N SER A 176 0.72 -3.06 23.72
CA SER A 176 -0.03 -4.27 24.02
C SER A 176 -1.47 -4.02 24.45
N SER A 177 -1.88 -2.80 24.80
CA SER A 177 -3.29 -2.63 25.15
C SER A 177 -4.16 -2.95 23.94
N HIS A 178 -5.33 -3.48 24.20
CA HIS A 178 -6.18 -3.93 23.11
C HIS A 178 -6.85 -2.74 22.41
N CYS A 179 -6.93 -2.79 21.08
CA CYS A 179 -7.65 -1.77 20.33
C CYS A 179 -8.99 -2.33 19.85
N PRO A 180 -10.11 -1.88 20.40
CA PRO A 180 -11.39 -2.48 19.98
C PRO A 180 -11.83 -2.04 18.59
N LEU A 181 -11.13 -1.12 17.93
CA LEU A 181 -11.44 -0.79 16.54
C LEU A 181 -10.68 -1.67 15.54
N SER A 182 -9.80 -2.55 16.00
CA SER A 182 -8.88 -3.21 15.10
C SER A 182 -9.51 -4.47 14.49
N PHE A 183 -8.90 -4.94 13.40
CA PHE A 183 -9.17 -6.24 12.82
C PHE A 183 -7.89 -7.05 12.87
N GLU A 184 -7.98 -8.31 13.29
CA GLU A 184 -6.81 -9.17 13.30
C GLU A 184 -6.57 -9.70 11.89
N GLN A 185 -5.35 -9.55 11.39
CA GLN A 185 -5.05 -9.90 10.01
C GLN A 185 -4.56 -11.33 9.81
N ASN A 186 -4.17 -12.03 10.88
CA ASN A 186 -3.64 -13.39 10.75
C ASN A 186 -2.59 -13.44 9.62
N PHE A 187 -1.61 -12.54 9.71
CA PHE A 187 -0.65 -12.35 8.62
C PHE A 187 0.16 -13.60 8.31
N GLY A 188 0.30 -14.52 9.27
CA GLY A 188 1.16 -15.68 9.16
C GLY A 188 0.50 -16.90 8.59
N ASN A 189 -0.77 -16.79 8.22
CA ASN A 189 -1.51 -17.89 7.64
C ASN A 189 -0.83 -18.37 6.35
N PRO A 190 -0.53 -19.66 6.22
CA PRO A 190 0.19 -20.11 5.02
C PRO A 190 -0.56 -19.90 3.73
N ASP A 191 -1.87 -19.63 3.77
CA ASP A 191 -2.56 -19.31 2.52
C ASP A 191 -2.06 -18.00 1.91
N ARG A 192 -1.57 -17.09 2.74
CA ARG A 192 -1.12 -15.80 2.27
C ARG A 192 0.34 -15.50 2.61
N CYS A 193 0.90 -16.17 3.61
CA CYS A 193 2.31 -15.98 3.96
C CYS A 193 3.11 -17.02 3.20
N LYS A 194 3.79 -16.58 2.14
CA LYS A 194 4.40 -17.47 1.16
C LYS A 194 5.89 -17.67 1.46
N THR A 195 6.38 -18.88 1.26
CA THR A 195 7.77 -19.19 1.58
C THR A 195 8.72 -18.69 0.48
N PRO A 196 10.01 -18.54 0.78
CA PRO A 196 10.98 -18.20 -0.29
C PRO A 196 10.88 -19.11 -1.50
N GLU A 197 10.70 -20.42 -1.26
CA GLU A 197 10.60 -21.38 -2.34
C GLU A 197 9.37 -21.12 -3.21
N GLN A 198 8.24 -20.78 -2.59
CA GLN A 198 7.03 -20.50 -3.37
C GLN A 198 7.24 -19.31 -4.30
N TYR A 199 7.89 -18.24 -3.83
CA TYR A 199 8.24 -17.13 -4.71
C TYR A 199 9.19 -17.58 -5.82
N SER A 200 10.30 -18.22 -5.43
CA SER A 200 11.30 -18.70 -6.40
C SER A 200 10.67 -19.52 -7.52
N ARG A 201 9.86 -20.51 -7.17
CA ARG A 201 9.24 -21.37 -8.17
C ARG A 201 8.19 -20.62 -9.04
N GLY A 202 8.00 -19.31 -8.88
CA GLY A 202 7.02 -18.57 -9.64
C GLY A 202 5.57 -18.86 -9.32
N GLU A 203 5.26 -19.25 -8.08
CA GLU A 203 3.92 -19.73 -7.75
C GLU A 203 3.05 -18.70 -7.03
N VAL A 204 3.56 -17.52 -6.73
CA VAL A 204 2.80 -16.53 -5.95
C VAL A 204 2.07 -15.60 -6.91
N TYR A 205 0.73 -15.68 -6.92
CA TYR A 205 -0.13 -14.81 -7.74
C TYR A 205 -1.13 -14.10 -6.83
N THR A 206 -1.01 -12.77 -6.73
CA THR A 206 -1.77 -12.03 -5.72
C THR A 206 -3.26 -12.08 -6.00
N SER A 207 -3.68 -12.27 -7.25
CA SER A 207 -5.09 -12.32 -7.54
C SER A 207 -5.76 -13.52 -6.91
N ARG A 208 -4.99 -14.54 -6.53
CA ARG A 208 -5.56 -15.73 -5.93
C ARG A 208 -5.93 -15.54 -4.47
N PHE A 209 -5.37 -14.54 -3.77
CA PHE A 209 -5.70 -14.39 -2.37
C PHE A 209 -5.91 -12.95 -1.89
N LEU A 210 -5.53 -11.92 -2.65
CA LEU A 210 -5.88 -10.55 -2.33
C LEU A 210 -7.19 -10.16 -3.04
N SER A 211 -7.79 -9.05 -2.61
CA SER A 211 -9.11 -8.62 -3.06
C SER A 211 -9.04 -7.21 -3.62
N GLU A 212 -9.91 -6.91 -4.59
CA GLU A 212 -9.88 -5.58 -5.23
C GLU A 212 -10.62 -4.55 -4.39
N PHE A 213 -10.09 -3.32 -4.40
CA PHE A 213 -10.86 -2.15 -3.93
C PHE A 213 -10.52 -1.05 -4.92
N ASN A 214 -11.28 -1.01 -6.03
CA ASN A 214 -10.94 -0.24 -7.22
C ASN A 214 -11.48 1.18 -7.10
N TYR A 215 -11.03 1.88 -6.06
CA TYR A 215 -11.31 3.29 -5.85
C TYR A 215 -9.97 4.02 -5.84
N ARG A 216 -9.96 5.23 -6.39
CA ARG A 216 -8.71 5.99 -6.39
C ARG A 216 -8.26 6.30 -4.96
N GLN A 217 -6.95 6.50 -4.79
CA GLN A 217 -6.35 6.73 -3.47
C GLN A 217 -7.09 7.80 -2.68
N GLY A 218 -7.47 8.90 -3.33
CA GLY A 218 -8.06 10.00 -2.58
C GLY A 218 -9.40 9.63 -1.98
N VAL A 219 -10.14 8.76 -2.66
CA VAL A 219 -11.42 8.30 -2.16
C VAL A 219 -11.21 7.23 -1.08
N HIS A 220 -10.28 6.32 -1.31
CA HIS A 220 -10.07 5.24 -0.35
C HIS A 220 -9.57 5.78 1.00
N LEU A 221 -8.57 6.64 0.98
CA LEU A 221 -8.08 7.22 2.24
C LEU A 221 -9.15 8.11 2.90
N ALA A 222 -9.90 8.89 2.12
CA ALA A 222 -10.97 9.70 2.71
C ALA A 222 -11.94 8.83 3.50
N TRP A 223 -12.34 7.69 2.92
CA TRP A 223 -13.22 6.77 3.64
C TRP A 223 -12.55 6.19 4.87
N VAL A 224 -11.29 5.77 4.76
CA VAL A 224 -10.60 5.18 5.91
C VAL A 224 -10.52 6.18 7.07
N LYS A 225 -10.24 7.46 6.75
CA LYS A 225 -10.18 8.45 7.82
C LYS A 225 -11.56 8.72 8.40
N HIS A 226 -12.58 8.74 7.55
CA HIS A 226 -13.94 9.01 7.99
C HIS A 226 -14.47 7.89 8.87
N TRP A 227 -14.23 6.64 8.49
CA TRP A 227 -14.68 5.50 9.30
C TRP A 227 -13.93 5.42 10.65
N PHE A 228 -12.63 5.72 10.65
CA PHE A 228 -11.86 5.75 11.90
C PHE A 228 -12.45 6.75 12.89
N VAL A 229 -12.80 7.94 12.41
CA VAL A 229 -13.32 8.97 13.32
C VAL A 229 -14.74 8.63 13.74
N GLN A 230 -15.57 8.19 12.78
N GLN A 230 -15.58 8.18 12.81
CA GLN A 230 -16.94 7.78 13.07
CA GLN A 230 -16.96 7.89 13.19
C GLN A 230 -16.98 6.77 14.20
C GLN A 230 -17.05 6.71 14.14
N ASP A 231 -16.01 5.86 14.23
CA ASP A 231 -15.97 4.79 15.21
C ASP A 231 -15.22 5.16 16.48
N GLY A 232 -14.88 6.43 16.68
CA GLY A 232 -14.29 6.86 17.93
C GLY A 232 -12.80 7.12 17.88
N GLY A 233 -12.17 6.93 16.73
CA GLY A 233 -10.75 7.20 16.63
C GLY A 233 -10.40 8.68 16.66
N ASN A 234 -9.20 8.95 17.16
CA ASN A 234 -8.67 10.31 17.27
C ASN A 234 -7.67 10.50 16.14
N LEU A 235 -8.04 11.28 15.12
CA LEU A 235 -7.25 11.36 13.89
C LEU A 235 -6.01 12.21 14.12
N PRO A 236 -4.80 11.69 13.94
CA PRO A 236 -3.60 12.51 14.14
C PRO A 236 -3.52 13.65 13.14
N VAL A 237 -2.98 14.79 13.59
CA VAL A 237 -2.93 15.99 12.74
C VAL A 237 -2.12 15.73 11.48
N GLN A 238 -1.18 14.77 11.52
CA GLN A 238 -0.45 14.36 10.31
C GLN A 238 -1.38 14.05 9.13
N PHE A 239 -2.61 13.59 9.40
CA PHE A 239 -3.52 13.16 8.33
C PHE A 239 -4.54 14.21 7.96
N TYR A 240 -4.42 15.42 8.54
CA TYR A 240 -5.26 16.55 8.17
C TYR A 240 -4.79 17.13 6.84
N GLU A 241 -5.72 17.74 6.11
CA GLU A 241 -5.39 18.50 4.92
C GLU A 241 -5.20 19.98 5.27
N ALA A 242 -4.45 20.69 4.42
CA ALA A 242 -4.28 22.12 4.56
C ALA A 242 -5.43 22.86 3.88
N GLN A 243 -6.11 23.72 4.63
CA GLN A 243 -7.03 24.69 4.05
C GLN A 243 -6.45 26.09 4.01
N ALA A 244 -5.37 26.35 4.76
CA ALA A 244 -4.82 27.69 4.92
C ALA A 244 -5.91 28.75 5.13
N PHE A 245 -5.91 29.77 4.25
CA PHE A 245 -6.83 30.90 4.33
C PHE A 245 -8.12 30.69 3.53
N ALA A 246 -8.25 29.60 2.80
CA ALA A 246 -9.30 29.49 1.79
C ALA A 246 -10.67 29.23 2.43
N ARG A 247 -11.72 29.58 1.67
CA ARG A 247 -13.12 29.33 2.04
C ARG A 247 -13.51 30.10 3.28
#